data_4MDY
#
_entry.id   4MDY
#
_cell.length_a   83.606
_cell.length_b   90.449
_cell.length_c   33.974
_cell.angle_alpha   90.000
_cell.angle_beta   90.000
_cell.angle_gamma   90.000
#
_symmetry.space_group_name_H-M   'P 21 21 2'
#
loop_
_entity.id
_entity.type
_entity.pdbx_description
1 polymer 'Periplasmic binding protein'
2 non-polymer DI(HYDROXYETHYL)ETHER
3 water water
#
_entity_poly.entity_id   1
_entity_poly.type   'polypeptide(L)'
_entity_poly.pdbx_seq_one_letter_code
;SNADKPGEVADDGSVTVRHAFGDTTIPGPPQRVVSAGLTEQDDLLAVGVVPIAVTDWFGGEPFGVWPWAQRQLAGAQPAV
LNLDNGIPVEEIAALKPDLIVATNAGLDADTYAKLSEIAPTVAQTGSEAFFEPWKDQATIIGQAVFKNAE(MSE)TELIK
SVDDRFTTVKTDHPQFSGKKALLLGGTLYRGGVQATPPGWRTDFLTQ(MSE)GLTVLQVPALIPRDEIASVLDGADVLIW
TTESDQDRDALLADPIVAQLAATRRDRNIFTTKELAGAIAFASPLSYPVVADQLPPELARVLG
;
_entity_poly.pdbx_strand_id   A
#
loop_
_chem_comp.id
_chem_comp.type
_chem_comp.name
_chem_comp.formula
PEG non-polymer DI(HYDROXYETHYL)ETHER 'C4 H10 O3'
#
# COMPACT_ATOMS: atom_id res chain seq x y z
N ASP A 11 -1.27 -33.31 2.75
CA ASP A 11 -1.37 -34.14 1.52
C ASP A 11 -0.19 -33.92 0.58
N ASP A 12 0.11 -34.92 -0.26
CA ASP A 12 1.07 -34.74 -1.34
C ASP A 12 0.47 -33.79 -2.37
N GLY A 13 1.31 -32.90 -2.88
CA GLY A 13 0.86 -31.82 -3.78
C GLY A 13 0.43 -30.58 -3.03
N SER A 14 0.09 -30.71 -1.74
CA SER A 14 -0.43 -29.60 -0.96
C SER A 14 0.67 -28.65 -0.55
N VAL A 15 0.25 -27.45 -0.13
CA VAL A 15 1.16 -26.42 0.38
C VAL A 15 0.72 -26.04 1.78
N THR A 16 1.69 -25.82 2.66
CA THR A 16 1.40 -25.39 4.01
C THR A 16 2.08 -24.05 4.26
N VAL A 17 1.31 -23.05 4.70
CA VAL A 17 1.88 -21.74 5.05
C VAL A 17 1.78 -21.50 6.54
N ARG A 18 2.74 -20.75 7.06
CA ARG A 18 2.84 -20.48 8.49
C ARG A 18 2.54 -19.01 8.74
N HIS A 19 1.65 -18.76 9.68
CA HIS A 19 1.19 -17.39 9.95
C HIS A 19 0.97 -17.19 11.46
N ALA A 20 0.42 -16.04 11.82
CA ALA A 20 0.28 -15.64 13.23
C ALA A 20 -0.56 -16.60 14.07
N PHE A 21 -1.47 -17.34 13.44
CA PHE A 21 -2.39 -18.23 14.14
C PHE A 21 -2.11 -19.71 13.88
N GLY A 22 -0.91 -20.01 13.38
CA GLY A 22 -0.47 -21.37 13.15
C GLY A 22 -0.25 -21.65 11.69
N ASP A 23 -0.66 -22.84 11.26
CA ASP A 23 -0.41 -23.32 9.91
C ASP A 23 -1.72 -23.43 9.14
N THR A 24 -1.66 -23.17 7.85
CA THR A 24 -2.79 -23.40 6.95
C THR A 24 -2.32 -24.30 5.81
N THR A 25 -3.05 -25.39 5.57
CA THR A 25 -2.74 -26.28 4.47
C THR A 25 -3.75 -26.06 3.34
N ILE A 26 -3.20 -25.83 2.15
CA ILE A 26 -3.98 -25.63 0.95
C ILE A 26 -3.78 -26.87 0.07
N PRO A 27 -4.84 -27.68 -0.12
CA PRO A 27 -4.70 -28.96 -0.84
C PRO A 27 -4.21 -28.86 -2.29
N GLY A 28 -4.59 -27.80 -2.99
CA GLY A 28 -4.16 -27.60 -4.37
C GLY A 28 -4.45 -26.17 -4.79
N PRO A 29 -4.09 -25.81 -6.05
CA PRO A 29 -4.38 -24.48 -6.57
C PRO A 29 -5.86 -24.09 -6.40
N PRO A 30 -6.12 -22.97 -5.72
CA PRO A 30 -7.49 -22.65 -5.34
C PRO A 30 -8.31 -22.08 -6.49
N GLN A 31 -9.56 -22.52 -6.58
CA GLN A 31 -10.47 -22.13 -7.67
C GLN A 31 -11.33 -20.90 -7.34
N ARG A 32 -11.63 -20.71 -6.06
CA ARG A 32 -12.50 -19.64 -5.59
C ARG A 32 -11.86 -18.89 -4.42
N VAL A 33 -11.10 -17.85 -4.73
CA VAL A 33 -10.38 -17.09 -3.72
C VAL A 33 -11.13 -15.81 -3.31
N VAL A 34 -11.32 -15.66 -2.00
CA VAL A 34 -11.83 -14.44 -1.42
C VAL A 34 -10.68 -13.58 -0.87
N SER A 35 -10.62 -12.33 -1.33
CA SER A 35 -9.71 -11.34 -0.78
C SER A 35 -10.45 -10.56 0.30
N ALA A 36 -10.11 -10.86 1.55
CA ALA A 36 -10.86 -10.34 2.70
C ALA A 36 -10.22 -9.10 3.36
N GLY A 37 -9.02 -8.72 2.92
CA GLY A 37 -8.36 -7.53 3.43
C GLY A 37 -8.30 -6.38 2.45
N LEU A 38 -7.57 -5.34 2.81
CA LEU A 38 -7.61 -4.07 2.11
C LEU A 38 -6.78 -3.97 0.84
N THR A 39 -5.78 -4.84 0.67
CA THR A 39 -4.85 -4.70 -0.46
C THR A 39 -4.46 -6.00 -1.18
N GLU A 40 -4.92 -7.15 -0.67
CA GLU A 40 -4.47 -8.46 -1.15
C GLU A 40 -4.83 -8.75 -2.60
N GLN A 41 -5.86 -8.08 -3.13
CA GLN A 41 -6.27 -8.29 -4.50
C GLN A 41 -5.13 -8.01 -5.48
N ASP A 42 -4.26 -7.06 -5.14
CA ASP A 42 -3.13 -6.74 -6.03
C ASP A 42 -2.10 -7.87 -6.05
N ASP A 43 -1.90 -8.54 -4.93
CA ASP A 43 -0.97 -9.69 -4.91
C ASP A 43 -1.56 -10.82 -5.76
N LEU A 44 -2.84 -11.10 -5.55
CA LEU A 44 -3.52 -12.17 -6.30
C LEU A 44 -3.51 -11.89 -7.81
N LEU A 45 -3.95 -10.70 -8.18
CA LEU A 45 -4.03 -10.33 -9.59
C LEU A 45 -2.66 -10.27 -10.27
N ALA A 46 -1.62 -9.88 -9.53
CA ALA A 46 -0.26 -9.85 -10.08
C ALA A 46 0.16 -11.20 -10.65
N VAL A 47 -0.29 -12.29 -10.03
CA VAL A 47 0.06 -13.64 -10.47
C VAL A 47 -1.06 -14.38 -11.20
N GLY A 48 -2.10 -13.64 -11.60
CA GLY A 48 -3.15 -14.20 -12.46
C GLY A 48 -4.25 -14.94 -11.74
N VAL A 49 -4.33 -14.79 -10.42
CA VAL A 49 -5.41 -15.37 -9.64
C VAL A 49 -6.47 -14.28 -9.49
N VAL A 50 -7.63 -14.48 -10.12
CA VAL A 50 -8.71 -13.49 -10.06
C VAL A 50 -9.66 -13.86 -8.91
N PRO A 51 -9.73 -13.03 -7.87
CA PRO A 51 -10.62 -13.36 -6.74
C PRO A 51 -12.09 -13.31 -7.11
N ILE A 52 -12.90 -14.09 -6.42
CA ILE A 52 -14.35 -14.04 -6.57
C ILE A 52 -14.97 -12.97 -5.69
N ALA A 53 -14.17 -12.41 -4.77
CA ALA A 53 -14.56 -11.26 -3.97
C ALA A 53 -13.35 -10.41 -3.63
N VAL A 54 -13.54 -9.10 -3.67
CA VAL A 54 -12.54 -8.13 -3.29
C VAL A 54 -13.13 -7.26 -2.18
N THR A 55 -12.29 -6.87 -1.24
CA THR A 55 -12.72 -5.98 -0.16
C THR A 55 -12.28 -4.55 -0.46
N ASP A 56 -13.26 -3.65 -0.49
CA ASP A 56 -13.03 -2.25 -0.82
C ASP A 56 -12.31 -1.57 0.34
N TRP A 57 -11.46 -0.61 0.02
CA TRP A 57 -10.77 0.20 1.03
C TRP A 57 -11.15 1.67 0.87
N PHE A 58 -10.72 2.31 -0.22
CA PHE A 58 -11.11 3.69 -0.50
C PHE A 58 -11.01 4.02 -1.99
N GLY A 59 -11.48 5.22 -2.36
CA GLY A 59 -11.35 5.75 -3.71
C GLY A 59 -12.51 5.48 -4.66
N GLY A 60 -13.49 4.70 -4.24
CA GLY A 60 -14.66 4.39 -5.07
C GLY A 60 -14.33 3.81 -6.44
N GLU A 61 -13.34 2.92 -6.48
CA GLU A 61 -12.92 2.30 -7.73
C GLU A 61 -13.84 1.12 -8.03
N PRO A 62 -14.05 0.82 -9.32
CA PRO A 62 -14.90 -0.33 -9.67
C PRO A 62 -14.36 -1.66 -9.14
N PHE A 63 -15.20 -2.36 -8.38
CA PHE A 63 -14.85 -3.62 -7.71
C PHE A 63 -13.77 -3.46 -6.63
N GLY A 64 -13.49 -2.23 -6.23
CA GLY A 64 -12.41 -1.92 -5.29
C GLY A 64 -11.02 -2.13 -5.89
N VAL A 65 -10.98 -2.32 -7.21
CA VAL A 65 -9.75 -2.62 -7.93
C VAL A 65 -9.32 -1.35 -8.66
N TRP A 66 -8.14 -0.87 -8.31
CA TRP A 66 -7.61 0.38 -8.85
C TRP A 66 -7.06 0.19 -10.27
N PRO A 67 -6.83 1.31 -11.00
CA PRO A 67 -6.50 1.21 -12.43
C PRO A 67 -5.33 0.29 -12.78
N TRP A 68 -4.32 0.21 -11.91
CA TRP A 68 -3.14 -0.61 -12.18
C TRP A 68 -3.40 -2.12 -12.10
N ALA A 69 -4.58 -2.53 -11.61
CA ALA A 69 -4.92 -3.94 -11.56
C ALA A 69 -6.16 -4.31 -12.41
N GLN A 70 -6.72 -3.33 -13.12
CA GLN A 70 -7.93 -3.54 -13.93
C GLN A 70 -7.72 -4.46 -15.14
N ARG A 71 -6.59 -4.31 -15.82
CA ARG A 71 -6.22 -5.20 -16.93
C ARG A 71 -6.25 -6.66 -16.49
N GLN A 72 -5.68 -6.92 -15.32
CA GLN A 72 -5.57 -8.26 -14.78
C GLN A 72 -6.95 -8.80 -14.36
N LEU A 73 -7.80 -7.91 -13.89
CA LEU A 73 -9.18 -8.27 -13.56
C LEU A 73 -9.93 -8.61 -14.84
N ALA A 74 -9.63 -7.86 -15.90
CA ALA A 74 -10.30 -8.00 -17.19
C ALA A 74 -11.81 -7.92 -17.00
N GLY A 75 -12.56 -8.90 -17.47
CA GLY A 75 -14.03 -8.83 -17.44
C GLY A 75 -14.68 -9.39 -16.19
N ALA A 76 -13.88 -9.79 -15.20
CA ALA A 76 -14.43 -10.43 -14.00
C ALA A 76 -15.31 -9.48 -13.19
N GLN A 77 -16.32 -10.07 -12.54
CA GLN A 77 -17.32 -9.31 -11.80
C GLN A 77 -17.38 -9.80 -10.36
N PRO A 78 -16.30 -9.57 -9.59
CA PRO A 78 -16.27 -10.11 -8.23
C PRO A 78 -17.25 -9.43 -7.30
N ALA A 79 -17.69 -10.13 -6.27
CA ALA A 79 -18.43 -9.52 -5.18
C ALA A 79 -17.52 -8.51 -4.48
N VAL A 80 -18.11 -7.41 -4.01
CA VAL A 80 -17.37 -6.39 -3.27
C VAL A 80 -17.79 -6.39 -1.80
N LEU A 81 -16.81 -6.63 -0.93
CA LEU A 81 -17.03 -6.65 0.50
C LEU A 81 -16.49 -5.37 1.08
N ASN A 82 -16.72 -5.15 2.36
CA ASN A 82 -16.06 -4.08 3.09
C ASN A 82 -15.95 -4.43 4.56
N LEU A 83 -15.13 -3.69 5.28
CA LEU A 83 -14.84 -3.98 6.68
C LEU A 83 -15.52 -3.01 7.65
N ASP A 84 -16.57 -2.33 7.20
CA ASP A 84 -17.32 -1.38 8.05
C ASP A 84 -17.77 -1.98 9.38
N ASN A 85 -18.20 -3.23 9.36
CA ASN A 85 -18.58 -3.94 10.59
C ASN A 85 -17.70 -5.16 10.80
N GLY A 86 -16.40 -4.98 10.60
CA GLY A 86 -15.45 -6.09 10.71
C GLY A 86 -15.53 -7.02 9.51
N ILE A 87 -14.80 -8.13 9.58
CA ILE A 87 -14.75 -9.07 8.48
C ILE A 87 -16.13 -9.72 8.36
N PRO A 88 -16.76 -9.62 7.17
CA PRO A 88 -18.11 -10.15 7.01
C PRO A 88 -18.10 -11.67 6.83
N VAL A 89 -18.12 -12.39 7.94
CA VAL A 89 -17.95 -13.85 7.93
C VAL A 89 -19.09 -14.54 7.20
N GLU A 90 -20.34 -14.10 7.47
CA GLU A 90 -21.51 -14.73 6.85
C GLU A 90 -21.52 -14.52 5.35
N GLU A 91 -21.15 -13.32 4.88
CA GLU A 91 -21.07 -13.06 3.44
C GLU A 91 -20.03 -13.97 2.79
N ILE A 92 -18.88 -14.09 3.43
CA ILE A 92 -17.80 -14.91 2.90
C ILE A 92 -18.23 -16.39 2.79
N ALA A 93 -18.83 -16.93 3.86
CA ALA A 93 -19.36 -18.30 3.83
C ALA A 93 -20.30 -18.53 2.64
N ALA A 94 -21.18 -17.56 2.38
CA ALA A 94 -22.13 -17.65 1.27
C ALA A 94 -21.44 -17.66 -0.11
N LEU A 95 -20.23 -17.11 -0.19
CA LEU A 95 -19.45 -17.14 -1.43
C LEU A 95 -18.74 -18.48 -1.68
N LYS A 96 -18.76 -19.39 -0.70
CA LYS A 96 -18.25 -20.75 -0.90
C LYS A 96 -16.81 -20.77 -1.44
N PRO A 97 -15.91 -20.03 -0.80
CA PRO A 97 -14.54 -19.98 -1.31
C PRO A 97 -13.81 -21.28 -0.99
N ASP A 98 -12.70 -21.51 -1.67
CA ASP A 98 -11.77 -22.57 -1.24
C ASP A 98 -10.45 -21.99 -0.70
N LEU A 99 -10.31 -20.67 -0.72
CA LEU A 99 -9.22 -19.98 -0.03
C LEU A 99 -9.66 -18.58 0.37
N ILE A 100 -9.36 -18.23 1.62
CA ILE A 100 -9.64 -16.90 2.13
C ILE A 100 -8.32 -16.24 2.46
N VAL A 101 -8.02 -15.13 1.79
CA VAL A 101 -6.82 -14.38 2.05
C VAL A 101 -7.16 -13.18 2.93
N ALA A 102 -6.60 -13.18 4.14
CA ALA A 102 -6.88 -12.14 5.12
C ALA A 102 -5.62 -11.74 5.89
N THR A 103 -4.65 -11.21 5.15
CA THR A 103 -3.38 -10.79 5.75
C THR A 103 -3.43 -9.32 6.18
N ASN A 104 -4.37 -8.56 5.61
CA ASN A 104 -4.49 -7.12 5.84
C ASN A 104 -5.95 -6.76 6.13
N ALA A 105 -6.51 -7.45 7.12
CA ALA A 105 -7.95 -7.43 7.39
C ALA A 105 -8.31 -7.23 8.88
N GLY A 106 -7.30 -7.01 9.73
CA GLY A 106 -7.53 -6.88 11.18
C GLY A 106 -7.91 -8.19 11.84
N LEU A 107 -7.47 -9.30 11.26
CA LEU A 107 -7.84 -10.62 11.73
C LEU A 107 -7.34 -10.88 13.16
N ASP A 108 -8.21 -11.38 14.02
CA ASP A 108 -7.78 -11.93 15.32
C ASP A 108 -7.98 -13.45 15.36
N ALA A 109 -7.54 -14.08 16.44
CA ALA A 109 -7.58 -15.54 16.56
C ALA A 109 -8.98 -16.11 16.45
N ASP A 110 -9.95 -15.43 17.06
CA ASP A 110 -11.34 -15.86 17.02
C ASP A 110 -11.85 -15.86 15.58
N THR A 111 -11.67 -14.74 14.90
CA THR A 111 -12.14 -14.57 13.52
C THR A 111 -11.41 -15.49 12.54
N TYR A 112 -10.12 -15.71 12.78
CA TYR A 112 -9.39 -16.73 12.03
C TYR A 112 -10.04 -18.11 12.17
N ALA A 113 -10.40 -18.49 13.40
CA ALA A 113 -11.06 -19.78 13.64
C ALA A 113 -12.39 -19.87 12.86
N LYS A 114 -13.15 -18.79 12.88
CA LYS A 114 -14.42 -18.72 12.15
C LYS A 114 -14.27 -18.84 10.63
N LEU A 115 -13.26 -18.16 10.08
CA LEU A 115 -12.99 -18.24 8.64
C LEU A 115 -12.44 -19.61 8.25
N SER A 116 -11.64 -20.21 9.13
CA SER A 116 -11.04 -21.51 8.84
C SER A 116 -12.08 -22.60 8.73
N GLU A 117 -13.20 -22.43 9.43
CA GLU A 117 -14.33 -23.33 9.29
C GLU A 117 -14.91 -23.30 7.87
N ILE A 118 -14.74 -22.18 7.19
CA ILE A 118 -15.26 -22.02 5.83
C ILE A 118 -14.27 -22.57 4.81
N ALA A 119 -13.01 -22.15 4.93
CA ALA A 119 -11.97 -22.61 4.01
C ALA A 119 -10.60 -22.31 4.60
N PRO A 120 -9.56 -22.94 4.03
CA PRO A 120 -8.21 -22.55 4.40
C PRO A 120 -8.03 -21.03 4.33
N THR A 121 -7.48 -20.47 5.40
CA THR A 121 -7.43 -19.03 5.57
C THR A 121 -5.98 -18.61 5.81
N VAL A 122 -5.53 -17.62 5.04
CA VAL A 122 -4.17 -17.11 5.13
C VAL A 122 -4.19 -15.82 5.95
N ALA A 123 -3.52 -15.85 7.10
CA ALA A 123 -3.44 -14.72 8.02
C ALA A 123 -2.12 -13.96 7.88
N GLN A 124 -2.08 -12.80 8.53
CA GLN A 124 -0.85 -12.05 8.69
C GLN A 124 0.24 -12.95 9.27
N THR A 125 1.49 -12.65 8.95
CA THR A 125 2.58 -13.54 9.33
C THR A 125 3.03 -13.35 10.76
N GLY A 126 2.94 -12.11 11.25
CA GLY A 126 3.41 -11.76 12.58
C GLY A 126 2.37 -11.01 13.38
N SER A 127 2.81 -9.97 14.09
CA SER A 127 1.98 -9.28 15.08
C SER A 127 1.25 -8.04 14.57
N GLU A 128 1.32 -7.77 13.26
CA GLU A 128 0.61 -6.63 12.66
C GLU A 128 -0.58 -7.14 11.85
N ALA A 129 -1.79 -6.83 12.32
CA ALA A 129 -3.01 -7.38 11.75
C ALA A 129 -3.48 -6.57 10.55
N PHE A 130 -3.02 -5.32 10.48
CA PHE A 130 -3.15 -4.46 9.32
C PHE A 130 -1.76 -4.00 8.87
N PHE A 131 -1.58 -3.89 7.55
CA PHE A 131 -0.41 -3.25 6.96
C PHE A 131 0.92 -3.82 7.43
N GLU A 132 1.01 -5.16 7.48
CA GLU A 132 2.31 -5.84 7.64
C GLU A 132 3.17 -5.56 6.39
N PRO A 133 4.50 -5.72 6.51
CA PRO A 133 5.37 -5.46 5.36
C PRO A 133 4.84 -6.07 4.04
N TRP A 134 4.78 -5.26 2.99
CA TRP A 134 4.21 -5.71 1.72
C TRP A 134 4.87 -6.99 1.19
N LYS A 135 6.18 -7.14 1.41
CA LYS A 135 6.84 -8.34 0.92
C LYS A 135 6.39 -9.59 1.68
N ASP A 136 6.13 -9.47 2.99
CA ASP A 136 5.68 -10.61 3.77
C ASP A 136 4.30 -11.05 3.28
N GLN A 137 3.43 -10.07 3.06
CA GLN A 137 2.11 -10.36 2.53
C GLN A 137 2.18 -11.00 1.13
N ALA A 138 2.99 -10.45 0.24
CA ALA A 138 3.12 -10.99 -1.10
C ALA A 138 3.65 -12.42 -1.06
N THR A 139 4.69 -12.63 -0.26
CA THR A 139 5.30 -13.96 -0.18
C THR A 139 4.34 -15.05 0.28
N ILE A 140 3.60 -14.83 1.37
CA ILE A 140 2.71 -15.87 1.85
C ILE A 140 1.56 -16.12 0.87
N ILE A 141 1.06 -15.07 0.21
CA ILE A 141 -0.03 -15.22 -0.77
C ILE A 141 0.45 -16.01 -2.01
N GLY A 142 1.64 -15.68 -2.49
CA GLY A 142 2.28 -16.42 -3.57
C GLY A 142 2.42 -17.90 -3.25
N GLN A 143 2.83 -18.20 -2.02
CA GLN A 143 2.93 -19.59 -1.56
C GLN A 143 1.57 -20.29 -1.59
N ALA A 144 0.58 -19.63 -1.01
CA ALA A 144 -0.77 -20.20 -0.88
C ALA A 144 -1.47 -20.47 -2.20
N VAL A 145 -1.11 -19.73 -3.26
CA VAL A 145 -1.74 -19.92 -4.57
C VAL A 145 -0.84 -20.64 -5.57
N PHE A 146 0.26 -21.20 -5.06
CA PHE A 146 1.14 -22.08 -5.83
C PHE A 146 1.89 -21.35 -6.94
N LYS A 147 2.23 -20.09 -6.69
CA LYS A 147 2.91 -19.24 -7.67
C LYS A 147 4.02 -18.43 -6.98
N ASN A 148 4.72 -19.10 -6.07
CA ASN A 148 5.77 -18.44 -5.32
C ASN A 148 6.96 -18.00 -6.18
N ALA A 149 7.27 -18.76 -7.24
CA ALA A 149 8.37 -18.38 -8.14
C ALA A 149 8.10 -17.03 -8.83
N GLU A 150 6.90 -16.86 -9.35
CA GLU A 150 6.55 -15.60 -9.99
C GLU A 150 6.52 -14.46 -8.97
N MSE A 151 5.98 -14.73 -7.79
CA MSE A 151 5.84 -13.69 -6.77
C MSE A 151 7.22 -13.21 -6.37
O MSE A 151 7.45 -12.01 -6.18
CB MSE A 151 5.07 -14.17 -5.55
CG MSE A 151 4.71 -13.05 -4.59
SE MSE A 151 3.37 -11.83 -5.38
CE MSE A 151 1.85 -13.04 -5.04
N THR A 152 8.15 -14.14 -6.23
CA THR A 152 9.53 -13.76 -5.92
C THR A 152 10.07 -12.84 -7.01
N GLU A 153 9.87 -13.23 -8.25
CA GLU A 153 10.24 -12.39 -9.40
C GLU A 153 9.61 -10.99 -9.33
N LEU A 154 8.32 -10.92 -8.99
CA LEU A 154 7.61 -9.64 -8.90
C LEU A 154 8.21 -8.74 -7.81
N ILE A 155 8.54 -9.32 -6.66
CA ILE A 155 9.21 -8.57 -5.59
C ILE A 155 10.57 -8.04 -6.07
N LYS A 156 11.35 -8.90 -6.71
CA LYS A 156 12.63 -8.49 -7.33
C LYS A 156 12.46 -7.35 -8.31
N SER A 157 11.42 -7.45 -9.15
CA SER A 157 11.14 -6.46 -10.18
C SER A 157 10.87 -5.07 -9.59
N VAL A 158 10.10 -5.02 -8.52
CA VAL A 158 9.82 -3.76 -7.81
C VAL A 158 11.09 -3.16 -7.23
N ASP A 159 11.88 -3.97 -6.52
CA ASP A 159 13.14 -3.51 -5.95
C ASP A 159 14.03 -2.92 -7.04
N ASP A 160 14.12 -3.63 -8.16
CA ASP A 160 14.94 -3.19 -9.31
C ASP A 160 14.45 -1.88 -9.91
N ARG A 161 13.13 -1.70 -10.00
CA ARG A 161 12.59 -0.42 -10.46
C ARG A 161 13.09 0.76 -9.62
N PHE A 162 13.02 0.64 -8.29
CA PHE A 162 13.48 1.70 -7.40
C PHE A 162 15.01 1.90 -7.45
N THR A 163 15.75 0.80 -7.55
CA THR A 163 17.21 0.86 -7.76
C THR A 163 17.54 1.64 -9.04
N THR A 164 16.76 1.42 -10.09
CA THR A 164 16.95 2.10 -11.36
C THR A 164 16.65 3.60 -11.25
N VAL A 165 15.65 3.96 -10.43
CA VAL A 165 15.32 5.37 -10.20
C VAL A 165 16.54 6.09 -9.60
N LYS A 166 17.17 5.44 -8.63
CA LYS A 166 18.38 5.97 -7.99
C LYS A 166 19.47 6.23 -9.02
N THR A 167 19.68 5.29 -9.93
CA THR A 167 20.64 5.44 -11.02
C THR A 167 20.28 6.59 -11.98
N ASP A 168 19.00 6.69 -12.32
N ASP A 168 18.99 6.69 -12.30
CA ASP A 168 18.52 7.73 -13.23
CA ASP A 168 18.47 7.71 -13.20
C ASP A 168 18.52 9.14 -12.60
C ASP A 168 18.50 9.13 -12.60
N HIS A 169 18.53 9.21 -11.26
CA HIS A 169 18.45 10.51 -10.56
C HIS A 169 19.44 10.61 -9.41
N PRO A 170 20.73 10.71 -9.72
CA PRO A 170 21.72 10.84 -8.63
C PRO A 170 21.55 12.12 -7.77
N GLN A 171 20.83 13.11 -8.28
N GLN A 171 20.83 13.11 -8.28
CA GLN A 171 20.53 14.33 -7.53
CA GLN A 171 20.55 14.32 -7.52
C GLN A 171 19.68 14.09 -6.28
C GLN A 171 19.66 14.10 -6.28
N PHE A 172 18.96 12.96 -6.21
CA PHE A 172 18.14 12.64 -5.04
C PHE A 172 18.99 12.32 -3.81
N SER A 173 20.21 11.87 -4.02
CA SER A 173 21.10 11.48 -2.93
C SER A 173 21.22 12.57 -1.87
N GLY A 174 21.02 12.19 -0.62
CA GLY A 174 21.13 13.11 0.50
C GLY A 174 20.00 14.13 0.64
N LYS A 175 18.93 14.00 -0.14
CA LYS A 175 17.81 14.91 -0.04
C LYS A 175 16.77 14.36 0.93
N LYS A 176 16.35 15.20 1.87
CA LYS A 176 15.48 14.78 2.96
C LYS A 176 14.02 14.88 2.56
N ALA A 177 13.31 13.77 2.74
CA ALA A 177 11.94 13.62 2.28
C ALA A 177 11.03 13.30 3.45
N LEU A 178 9.82 13.84 3.40
CA LEU A 178 8.73 13.45 4.28
C LEU A 178 7.54 13.03 3.42
N LEU A 179 6.85 12.00 3.89
CA LEU A 179 5.65 11.48 3.24
C LEU A 179 4.46 11.78 4.14
N LEU A 180 3.59 12.66 3.65
CA LEU A 180 2.55 13.26 4.46
C LEU A 180 1.17 12.93 3.94
N GLY A 181 0.19 12.91 4.84
CA GLY A 181 -1.19 12.67 4.48
C GLY A 181 -1.76 13.85 3.72
N GLY A 182 -2.76 13.58 2.88
CA GLY A 182 -3.35 14.61 2.01
C GLY A 182 -4.32 15.54 2.71
N THR A 183 -4.70 15.19 3.94
CA THR A 183 -5.56 16.03 4.78
C THR A 183 -4.94 16.26 6.16
N LEU A 184 -5.27 17.39 6.77
CA LEU A 184 -4.84 17.65 8.14
C LEU A 184 -5.80 16.93 9.09
N TYR A 185 -5.32 16.62 10.29
CA TYR A 185 -6.13 16.00 11.33
C TYR A 185 -6.13 16.93 12.54
N ARG A 186 -7.29 17.48 12.88
CA ARG A 186 -7.40 18.42 13.98
C ARG A 186 -6.31 19.49 13.93
N GLY A 187 -6.07 20.03 12.73
CA GLY A 187 -5.07 21.09 12.53
C GLY A 187 -3.62 20.62 12.44
N GLY A 188 -3.37 19.34 12.66
CA GLY A 188 -2.02 18.78 12.60
C GLY A 188 -1.75 18.05 11.30
N VAL A 189 -0.48 17.76 11.06
CA VAL A 189 -0.05 17.07 9.86
C VAL A 189 0.13 15.59 10.17
N GLN A 190 -0.38 14.75 9.27
CA GLN A 190 -0.21 13.31 9.37
C GLN A 190 1.02 12.90 8.55
N ALA A 191 1.82 12.00 9.12
CA ALA A 191 3.05 11.55 8.46
C ALA A 191 3.24 10.04 8.56
N THR A 192 4.02 9.50 7.64
CA THR A 192 4.40 8.10 7.68
C THR A 192 5.80 8.00 8.31
N PRO A 193 5.88 7.47 9.54
CA PRO A 193 7.20 7.36 10.15
C PRO A 193 8.08 6.37 9.40
N PRO A 194 9.41 6.55 9.48
CA PRO A 194 10.30 5.58 8.83
C PRO A 194 9.94 4.14 9.18
N GLY A 195 10.03 3.26 8.20
CA GLY A 195 9.63 1.87 8.35
C GLY A 195 9.49 1.26 6.98
N TRP A 196 8.88 0.08 6.90
CA TRP A 196 8.78 -0.59 5.62
C TRP A 196 8.09 0.29 4.56
N ARG A 197 7.12 1.09 4.99
CA ARG A 197 6.39 1.97 4.06
C ARG A 197 7.23 3.06 3.42
N THR A 198 8.34 3.44 4.05
CA THR A 198 9.23 4.45 3.46
C THR A 198 10.43 3.83 2.74
N ASP A 199 10.54 2.49 2.74
CA ASP A 199 11.69 1.84 2.10
C ASP A 199 11.85 2.24 0.64
N PHE A 200 10.75 2.37 -0.07
CA PHE A 200 10.81 2.73 -1.48
C PHE A 200 11.51 4.08 -1.69
N LEU A 201 11.33 5.01 -0.75
CA LEU A 201 11.98 6.32 -0.84
C LEU A 201 13.48 6.19 -0.61
N THR A 202 13.84 5.42 0.41
CA THR A 202 15.25 5.14 0.73
C THR A 202 15.94 4.45 -0.44
N GLN A 203 15.26 3.50 -1.07
CA GLN A 203 15.79 2.76 -2.24
C GLN A 203 16.04 3.67 -3.46
N MSE A 204 15.26 4.75 -3.57
CA MSE A 204 15.46 5.74 -4.63
C MSE A 204 16.60 6.69 -4.32
O MSE A 204 16.94 7.53 -5.17
CB MSE A 204 14.19 6.57 -4.80
CG MSE A 204 13.06 5.80 -5.49
SE MSE A 204 11.55 7.05 -5.59
CE MSE A 204 10.09 5.94 -6.32
N GLY A 205 17.18 6.59 -3.13
CA GLY A 205 18.35 7.40 -2.76
C GLY A 205 18.07 8.53 -1.79
N LEU A 206 16.79 8.74 -1.47
CA LEU A 206 16.39 9.81 -0.56
C LEU A 206 16.68 9.48 0.89
N THR A 207 16.76 10.52 1.70
CA THR A 207 16.86 10.40 3.14
C THR A 207 15.46 10.58 3.72
N VAL A 208 15.04 9.61 4.50
CA VAL A 208 13.73 9.60 5.13
C VAL A 208 13.91 10.08 6.57
N LEU A 209 13.45 11.30 6.83
CA LEU A 209 13.53 11.91 8.16
C LEU A 209 12.69 11.18 9.21
N GLN A 210 13.25 11.03 10.40
CA GLN A 210 12.46 10.63 11.56
C GLN A 210 11.34 11.64 11.79
N VAL A 211 10.13 11.13 11.97
CA VAL A 211 8.97 11.99 12.13
C VAL A 211 7.88 11.19 12.89
N PRO A 212 7.11 11.87 13.75
CA PRO A 212 5.99 11.19 14.40
C PRO A 212 4.81 11.02 13.45
N ALA A 213 3.93 10.07 13.75
CA ALA A 213 2.78 9.78 12.89
C ALA A 213 1.85 10.98 12.75
N LEU A 214 1.86 11.82 13.78
CA LEU A 214 1.08 13.04 13.81
C LEU A 214 1.95 14.16 14.36
N ILE A 215 2.05 15.23 13.59
CA ILE A 215 2.79 16.41 13.97
C ILE A 215 1.77 17.45 14.46
N PRO A 216 1.80 17.77 15.76
CA PRO A 216 0.82 18.74 16.26
C PRO A 216 0.99 20.11 15.59
N ARG A 217 -0.10 20.88 15.55
CA ARG A 217 -0.11 22.14 14.82
C ARG A 217 1.03 23.09 15.20
N ASP A 218 1.34 23.15 16.49
CA ASP A 218 2.40 24.04 16.97
C ASP A 218 3.83 23.59 16.57
N GLU A 219 3.98 22.37 16.05
CA GLU A 219 5.30 21.84 15.65
C GLU A 219 5.50 21.72 14.13
N ILE A 220 4.52 22.13 13.34
CA ILE A 220 4.57 21.90 11.90
C ILE A 220 5.80 22.53 11.24
N ALA A 221 6.03 23.82 11.50
CA ALA A 221 7.19 24.52 10.94
C ALA A 221 8.49 23.87 11.41
N SER A 222 8.57 23.61 12.71
CA SER A 222 9.75 23.01 13.33
C SER A 222 10.16 21.70 12.64
N VAL A 223 9.19 20.87 12.28
CA VAL A 223 9.49 19.56 11.68
C VAL A 223 9.61 19.60 10.16
N LEU A 224 8.65 20.25 9.50
CA LEU A 224 8.56 20.23 8.04
C LEU A 224 9.63 21.08 7.36
N ASP A 225 10.09 22.15 8.01
CA ASP A 225 11.15 22.96 7.42
C ASP A 225 12.50 22.25 7.45
N GLY A 226 12.56 21.09 8.09
CA GLY A 226 13.77 20.24 8.05
C GLY A 226 13.93 19.40 6.78
N ALA A 227 12.91 19.40 5.92
CA ALA A 227 12.90 18.56 4.71
C ALA A 227 13.18 19.35 3.44
N ASP A 228 13.78 18.67 2.47
CA ASP A 228 14.03 19.23 1.15
C ASP A 228 12.83 19.07 0.20
N VAL A 229 12.00 18.06 0.45
CA VAL A 229 10.81 17.81 -0.33
C VAL A 229 9.73 17.22 0.56
N LEU A 230 8.49 17.71 0.41
CA LEU A 230 7.33 17.15 1.11
C LEU A 230 6.43 16.51 0.08
N ILE A 231 6.05 15.26 0.33
CA ILE A 231 5.17 14.53 -0.54
C ILE A 231 3.84 14.40 0.19
N TRP A 232 2.86 15.18 -0.24
CA TRP A 232 1.54 15.13 0.36
C TRP A 232 0.67 14.20 -0.48
N THR A 233 0.08 13.19 0.15
CA THR A 233 -0.70 12.19 -0.59
C THR A 233 -2.14 12.66 -0.78
N THR A 234 -2.27 13.80 -1.44
CA THR A 234 -3.55 14.35 -1.83
C THR A 234 -4.25 13.44 -2.83
N GLU A 235 -5.59 13.46 -2.82
CA GLU A 235 -6.40 12.67 -3.73
C GLU A 235 -7.28 13.57 -4.61
N SER A 236 -7.14 14.88 -4.47
CA SER A 236 -7.84 15.83 -5.34
C SER A 236 -7.23 17.22 -5.27
N ASP A 237 -7.66 18.07 -6.21
CA ASP A 237 -7.35 19.49 -6.19
C ASP A 237 -7.95 20.10 -4.93
N GLN A 238 -9.14 19.66 -4.55
CA GLN A 238 -9.78 20.11 -3.31
C GLN A 238 -8.83 19.92 -2.15
N ASP A 239 -8.23 18.73 -2.04
CA ASP A 239 -7.29 18.43 -0.97
C ASP A 239 -6.08 19.36 -0.98
N ARG A 240 -5.49 19.58 -2.16
CA ARG A 240 -4.27 20.38 -2.26
C ARG A 240 -4.53 21.82 -1.86
N ASP A 241 -5.62 22.37 -2.38
CA ASP A 241 -5.94 23.77 -2.15
C ASP A 241 -6.30 24.02 -0.68
N ALA A 242 -6.91 23.02 -0.03
CA ALA A 242 -7.17 23.11 1.40
C ALA A 242 -5.87 23.17 2.22
N LEU A 243 -4.85 22.44 1.79
CA LEU A 243 -3.54 22.49 2.46
C LEU A 243 -2.86 23.83 2.22
N LEU A 244 -2.84 24.27 0.97
CA LEU A 244 -2.24 25.56 0.62
C LEU A 244 -3.00 26.75 1.25
N ALA A 245 -4.28 26.57 1.54
CA ALA A 245 -5.08 27.60 2.22
C ALA A 245 -4.77 27.71 3.72
N ASP A 246 -4.14 26.70 4.30
CA ASP A 246 -3.77 26.74 5.71
C ASP A 246 -2.62 27.73 5.91
N PRO A 247 -2.77 28.68 6.86
CA PRO A 247 -1.78 29.76 6.97
C PRO A 247 -0.40 29.28 7.43
N ILE A 248 -0.34 28.18 8.17
CA ILE A 248 0.95 27.62 8.57
C ILE A 248 1.59 26.94 7.36
N VAL A 249 0.83 26.08 6.67
CA VAL A 249 1.33 25.42 5.47
C VAL A 249 1.80 26.46 4.45
N ALA A 250 1.04 27.55 4.31
CA ALA A 250 1.37 28.64 3.38
C ALA A 250 2.77 29.24 3.61
N GLN A 251 3.24 29.22 4.87
CA GLN A 251 4.53 29.81 5.21
C GLN A 251 5.67 28.80 5.36
N LEU A 252 5.40 27.54 5.07
CA LEU A 252 6.46 26.55 5.05
C LEU A 252 7.50 26.93 4.00
N ALA A 253 8.77 26.65 4.31
CA ALA A 253 9.85 26.83 3.34
C ALA A 253 9.54 26.04 2.06
N ALA A 254 8.97 24.84 2.21
CA ALA A 254 8.59 24.03 1.07
C ALA A 254 7.56 24.73 0.18
N THR A 255 6.62 25.45 0.79
CA THR A 255 5.61 26.16 0.01
C THR A 255 6.25 27.36 -0.70
N ARG A 256 7.11 28.08 0.03
N ARG A 256 7.10 28.11 0.01
CA ARG A 256 7.80 29.25 -0.52
CA ARG A 256 7.73 29.29 -0.59
C ARG A 256 8.71 28.88 -1.68
C ARG A 256 8.62 28.91 -1.76
N ARG A 257 9.40 27.76 -1.55
N ARG A 257 9.26 27.75 -1.64
CA ARG A 257 10.39 27.34 -2.55
CA ARG A 257 10.28 27.34 -2.59
C ARG A 257 9.83 26.33 -3.53
C ARG A 257 9.77 26.28 -3.56
N ASP A 258 8.53 26.09 -3.50
N ASP A 258 8.46 26.08 -3.60
CA ASP A 258 7.88 25.17 -4.45
CA ASP A 258 7.86 25.12 -4.52
C ASP A 258 8.47 23.76 -4.37
C ASP A 258 8.48 23.73 -4.39
N ARG A 259 8.59 23.23 -3.15
CA ARG A 259 9.14 21.88 -2.90
C ARG A 259 8.07 20.94 -2.34
N ASN A 260 6.81 21.32 -2.50
CA ASN A 260 5.69 20.43 -2.23
C ASN A 260 5.38 19.61 -3.46
N ILE A 261 5.16 18.31 -3.26
CA ILE A 261 4.54 17.45 -4.24
C ILE A 261 3.15 17.11 -3.75
N PHE A 262 2.14 17.46 -4.54
CA PHE A 262 0.77 17.08 -4.26
C PHE A 262 0.41 15.98 -5.26
N THR A 263 0.28 14.75 -4.76
CA THR A 263 0.06 13.61 -5.62
C THR A 263 -1.29 13.69 -6.31
N THR A 264 -1.36 13.07 -7.48
CA THR A 264 -2.64 12.74 -8.08
C THR A 264 -3.31 11.66 -7.25
N LYS A 265 -4.61 11.48 -7.43
CA LYS A 265 -5.32 10.40 -6.76
C LYS A 265 -4.67 9.04 -7.03
N GLU A 266 -4.27 8.79 -8.27
CA GLU A 266 -3.73 7.47 -8.63
C GLU A 266 -2.38 7.25 -7.93
N LEU A 267 -1.56 8.28 -7.86
CA LEU A 267 -0.26 8.13 -7.21
C LEU A 267 -0.45 7.98 -5.71
N ALA A 268 -1.37 8.73 -5.12
CA ALA A 268 -1.70 8.57 -3.70
C ALA A 268 -2.18 7.15 -3.45
N GLY A 269 -3.06 6.66 -4.31
CA GLY A 269 -3.56 5.30 -4.18
C GLY A 269 -2.45 4.28 -4.32
N ALA A 270 -1.57 4.50 -5.29
CA ALA A 270 -0.48 3.55 -5.55
C ALA A 270 0.47 3.44 -4.35
N ILE A 271 0.80 4.57 -3.74
CA ILE A 271 1.61 4.59 -2.52
C ILE A 271 0.92 3.83 -1.36
N ALA A 272 -0.38 4.09 -1.18
CA ALA A 272 -1.16 3.45 -0.13
C ALA A 272 -1.20 1.94 -0.28
N PHE A 273 -1.44 1.46 -1.49
CA PHE A 273 -1.54 0.02 -1.72
C PHE A 273 -0.21 -0.70 -1.60
N ALA A 274 0.88 -0.04 -1.97
CA ALA A 274 2.23 -0.59 -1.80
C ALA A 274 2.27 -2.07 -2.21
N SER A 275 1.85 -2.34 -3.43
CA SER A 275 1.66 -3.71 -3.91
C SER A 275 2.58 -4.04 -5.08
N PRO A 276 2.67 -5.32 -5.46
CA PRO A 276 3.45 -5.70 -6.66
C PRO A 276 2.98 -5.00 -7.94
N LEU A 277 1.72 -4.61 -8.01
CA LEU A 277 1.21 -3.91 -9.16
C LEU A 277 1.20 -2.40 -8.99
N SER A 278 1.09 -1.91 -7.75
CA SER A 278 0.98 -0.47 -7.54
C SER A 278 2.34 0.23 -7.47
N TYR A 279 3.33 -0.45 -6.92
CA TYR A 279 4.65 0.17 -6.79
C TYR A 279 5.32 0.57 -8.12
N PRO A 280 5.14 -0.24 -9.20
CA PRO A 280 5.57 0.23 -10.53
C PRO A 280 4.97 1.57 -10.94
N VAL A 281 3.72 1.82 -10.56
CA VAL A 281 3.11 3.14 -10.82
C VAL A 281 3.83 4.26 -10.05
N VAL A 282 4.23 3.96 -8.81
CA VAL A 282 5.00 4.91 -8.00
C VAL A 282 6.36 5.17 -8.67
N ALA A 283 7.02 4.11 -9.13
CA ALA A 283 8.33 4.25 -9.79
C ALA A 283 8.22 5.04 -11.10
N ASP A 284 7.07 4.97 -11.77
CA ASP A 284 6.84 5.75 -12.98
C ASP A 284 6.59 7.22 -12.68
N GLN A 285 5.65 7.48 -11.78
CA GLN A 285 5.07 8.83 -11.64
C GLN A 285 5.73 9.73 -10.60
N LEU A 286 6.30 9.15 -9.55
CA LEU A 286 6.89 9.97 -8.48
C LEU A 286 8.24 10.58 -8.87
N PRO A 287 9.14 9.82 -9.54
CA PRO A 287 10.43 10.44 -9.81
C PRO A 287 10.40 11.74 -10.64
N PRO A 288 9.55 11.82 -11.68
CA PRO A 288 9.44 13.12 -12.37
C PRO A 288 9.02 14.28 -11.45
N GLU A 289 8.16 14.01 -10.47
CA GLU A 289 7.74 15.04 -9.52
C GLU A 289 8.90 15.42 -8.60
N LEU A 290 9.63 14.41 -8.13
CA LEU A 290 10.81 14.65 -7.33
C LEU A 290 11.87 15.44 -8.10
N ALA A 291 12.05 15.09 -9.38
CA ALA A 291 13.06 15.74 -10.21
C ALA A 291 12.71 17.20 -10.47
N ARG A 292 11.41 17.47 -10.61
CA ARG A 292 10.89 18.82 -10.79
C ARG A 292 11.25 19.76 -9.64
N VAL A 293 11.22 19.25 -8.41
CA VAL A 293 11.47 20.09 -7.22
C VAL A 293 12.91 19.99 -6.71
N LEU A 294 13.57 18.86 -6.92
CA LEU A 294 14.93 18.65 -6.44
C LEU A 294 15.99 18.96 -7.49
N GLY A 295 15.64 18.84 -8.77
CA GLY A 295 16.58 19.07 -9.88
C GLY A 295 17.07 17.76 -10.49
C1 PEG B . -6.74 6.04 2.50
O1 PEG B . -7.55 6.32 3.64
C2 PEG B . -5.35 6.64 2.68
O2 PEG B . -4.58 5.71 3.43
C3 PEG B . -3.19 6.06 3.61
C4 PEG B . -2.32 4.82 3.44
O4 PEG B . -1.37 4.67 4.49
#